data_5T3G
#
_entry.id   5T3G
#
_cell.length_a   57.615
_cell.length_b   57.615
_cell.length_c   150.808
_cell.angle_alpha   90.00
_cell.angle_beta   90.00
_cell.angle_gamma   90.00
#
_symmetry.space_group_name_H-M   'P 41 21 2'
#
loop_
_entity.id
_entity.type
_entity.pdbx_description
1 polymer Thaumatin-1
2 non-polymer selenourea
3 non-polymer 'L(+)-TARTARIC ACID'
4 water water
#
_entity_poly.entity_id   1
_entity_poly.type   'polypeptide(L)'
_entity_poly.pdbx_seq_one_letter_code
;ATFEIVNRCSYTVWAAASKGDAALDAGGRQLNSGESWTINVEPGTNGGKIWARTDCYFDDSGSGICKTGDCGGLLRCKRF
GRPPTTLAEFSLNQYGKDYIDISNIKGFNVPMNFSPTTRGCRGVRCAADIVGQCPAKLKAPGGGCNDACTVFQTSEYCCT
TGKCGPTEYSRFFKRLCPDAFSYVLDKPTTVTCPGSSNYRVTFCPTA
;
_entity_poly.pdbx_strand_id   A
#
# COMPACT_ATOMS: atom_id res chain seq x y z
N ALA A 1 6.80 -11.87 12.75
CA ALA A 1 7.59 -11.47 11.53
C ALA A 1 8.09 -10.05 11.67
N THR A 2 9.28 -9.82 11.16
CA THR A 2 9.86 -8.48 11.15
C THR A 2 9.70 -7.88 9.77
N PHE A 3 9.25 -6.63 9.73
CA PHE A 3 9.20 -5.83 8.52
C PHE A 3 10.12 -4.63 8.74
N GLU A 4 11.13 -4.47 7.89
CA GLU A 4 11.89 -3.21 7.87
C GLU A 4 11.24 -2.31 6.85
N ILE A 5 10.77 -1.14 7.29
CA ILE A 5 10.15 -0.16 6.41
C ILE A 5 11.17 0.97 6.17
N VAL A 6 11.53 1.18 4.90
CA VAL A 6 12.64 2.07 4.54
C VAL A 6 12.10 3.15 3.61
N ASN A 7 12.37 4.41 3.96
CA ASN A 7 12.00 5.51 3.07
C ASN A 7 13.19 5.98 2.24
N ARG A 8 13.24 5.57 0.96
N ARG A 8 13.24 5.57 0.96
CA ARG A 8 14.28 6.05 0.02
CA ARG A 8 14.26 6.06 0.03
C ARG A 8 13.83 7.31 -0.76
C ARG A 8 13.80 7.25 -0.80
N CYS A 9 12.60 7.77 -0.49
CA CYS A 9 12.09 8.99 -1.14
C CYS A 9 12.89 10.21 -0.68
N SER A 10 12.95 11.23 -1.53
CA SER A 10 13.62 12.48 -1.16
C SER A 10 12.77 13.32 -0.18
N TYR A 11 11.51 12.91 0.02
CA TYR A 11 10.55 13.59 0.88
C TYR A 11 10.20 12.70 2.07
N THR A 12 9.79 13.32 3.18
CA THR A 12 9.32 12.59 4.37
C THR A 12 8.00 11.85 4.05
N VAL A 13 7.86 10.64 4.58
CA VAL A 13 6.57 9.95 4.56
C VAL A 13 6.23 9.55 5.98
N TRP A 14 4.95 9.29 6.23
CA TRP A 14 4.51 8.75 7.51
C TRP A 14 4.03 7.35 7.22
N ALA A 15 4.86 6.37 7.57
CA ALA A 15 4.50 4.96 7.35
C ALA A 15 3.32 4.57 8.22
N ALA A 16 2.53 3.62 7.72
CA ALA A 16 1.35 3.14 8.40
C ALA A 16 1.28 1.62 8.26
N ALA A 17 0.79 0.94 9.31
CA ALA A 17 0.67 -0.51 9.31
C ALA A 17 -0.56 -0.91 10.11
N SER A 18 -1.48 -1.61 9.46
CA SER A 18 -2.80 -1.95 10.06
C SER A 18 -3.34 -3.23 9.47
N LYS A 19 -4.20 -3.91 10.23
CA LYS A 19 -5.02 -4.99 9.67
C LYS A 19 -6.51 -4.60 9.61
N GLY A 20 -6.77 -3.30 9.72
CA GLY A 20 -8.09 -2.75 9.43
C GLY A 20 -8.98 -2.50 10.63
N ASP A 21 -8.81 -3.33 11.65
CA ASP A 21 -9.53 -3.20 12.93
C ASP A 21 -8.55 -3.09 14.10
N ALA A 22 -7.26 -2.93 13.77
CA ALA A 22 -6.17 -2.80 14.74
C ALA A 22 -4.89 -2.35 14.06
N ALA A 23 -4.06 -1.64 14.84
CA ALA A 23 -2.70 -1.31 14.46
C ALA A 23 -1.86 -2.58 14.38
N LEU A 24 -0.88 -2.57 13.49
CA LEU A 24 0.23 -3.52 13.57
C LEU A 24 1.41 -2.79 14.19
N ASP A 25 2.02 -3.39 15.21
CA ASP A 25 3.08 -2.73 16.00
C ASP A 25 2.48 -1.37 16.46
N ALA A 26 3.24 -0.29 16.36
CA ALA A 26 2.75 1.04 16.77
C ALA A 26 1.73 1.66 15.82
N GLY A 27 1.57 1.08 14.63
CA GLY A 27 0.57 1.57 13.66
C GLY A 27 1.04 2.66 12.71
N GLY A 28 2.00 3.47 13.13
CA GLY A 28 2.51 4.53 12.24
C GLY A 28 3.70 5.26 12.84
N ARG A 29 4.50 5.88 11.97
CA ARG A 29 5.67 6.63 12.39
C ARG A 29 6.15 7.50 11.26
N GLN A 30 6.74 8.64 11.61
CA GLN A 30 7.40 9.50 10.64
C GLN A 30 8.70 8.84 10.17
N LEU A 31 8.92 8.86 8.84
CA LEU A 31 10.19 8.41 8.26
C LEU A 31 10.72 9.52 7.38
N ASN A 32 11.72 10.24 7.87
CA ASN A 32 12.42 11.20 7.03
C ASN A 32 13.15 10.46 5.90
N SER A 33 13.58 11.20 4.88
CA SER A 33 14.35 10.63 3.78
C SER A 33 15.55 9.83 4.28
N GLY A 34 15.55 8.54 3.96
CA GLY A 34 16.64 7.63 4.29
C GLY A 34 16.41 6.81 5.54
N GLU A 35 15.41 7.16 6.34
CA GLU A 35 15.15 6.48 7.61
C GLU A 35 14.54 5.09 7.45
N SER A 36 14.86 4.21 8.39
CA SER A 36 14.34 2.85 8.46
C SER A 36 13.65 2.62 9.80
N TRP A 37 12.50 1.94 9.74
CA TRP A 37 11.71 1.63 10.91
C TRP A 37 11.40 0.15 10.90
N THR A 38 11.84 -0.56 11.95
CA THR A 38 11.60 -2.00 12.03
C THR A 38 10.41 -2.25 12.93
N ILE A 39 9.42 -2.97 12.38
CA ILE A 39 8.22 -3.35 13.15
C ILE A 39 8.11 -4.86 13.30
N ASN A 40 7.39 -5.25 14.34
CA ASN A 40 7.04 -6.63 14.55
C ASN A 40 5.57 -6.85 14.28
N VAL A 41 5.28 -7.80 13.40
CA VAL A 41 3.91 -8.15 13.03
C VAL A 41 3.64 -9.54 13.56
N GLU A 42 2.55 -9.67 14.32
CA GLU A 42 2.22 -10.95 14.95
C GLU A 42 2.08 -12.08 13.90
N PRO A 43 2.71 -13.25 14.15
CA PRO A 43 2.45 -14.39 13.24
C PRO A 43 0.96 -14.66 13.09
N GLY A 44 0.53 -15.11 11.92
CA GLY A 44 -0.88 -15.38 11.66
C GLY A 44 -1.71 -14.17 11.25
N THR A 45 -1.10 -12.99 11.20
CA THR A 45 -1.81 -11.78 10.76
C THR A 45 -2.37 -11.98 9.35
N ASN A 46 -3.69 -11.86 9.25
CA ASN A 46 -4.41 -12.04 7.99
C ASN A 46 -4.89 -10.67 7.52
N GLY A 47 -4.60 -10.31 6.27
CA GLY A 47 -5.09 -9.05 5.72
C GLY A 47 -4.41 -7.81 6.28
N GLY A 48 -3.11 -7.93 6.55
CA GLY A 48 -2.29 -6.78 6.96
C GLY A 48 -1.93 -5.93 5.76
N LYS A 49 -1.77 -4.63 6.00
CA LYS A 49 -1.34 -3.68 4.96
C LYS A 49 -0.35 -2.68 5.52
N ILE A 50 0.62 -2.29 4.69
CA ILE A 50 1.57 -1.21 4.98
C ILE A 50 1.47 -0.22 3.83
N TRP A 51 1.47 1.07 4.17
CA TRP A 51 1.44 2.13 3.15
C TRP A 51 2.18 3.37 3.62
N ALA A 52 2.45 4.28 2.69
CA ALA A 52 2.99 5.58 3.01
C ALA A 52 1.86 6.60 3.04
N ARG A 53 2.01 7.59 3.91
CA ARG A 53 1.16 8.77 3.93
C ARG A 53 2.03 9.99 3.63
N THR A 54 1.47 10.93 2.86
CA THR A 54 2.22 12.13 2.46
C THR A 54 1.60 13.42 3.00
N ASP A 55 2.44 14.43 3.22
CA ASP A 55 2.03 15.76 3.67
C ASP A 55 1.14 15.74 4.89
N CYS A 56 1.69 15.19 5.97
CA CYS A 56 0.99 15.06 7.23
C CYS A 56 1.33 16.17 8.21
N TYR A 57 0.36 16.54 9.04
N TYR A 57 0.33 16.57 8.98
CA TYR A 57 0.53 17.50 10.14
CA TYR A 57 0.52 17.42 10.12
C TYR A 57 -0.10 16.94 11.40
C TYR A 57 -0.05 16.65 11.30
N PHE A 58 0.73 16.58 12.37
CA PHE A 58 0.28 16.02 13.65
C PHE A 58 0.63 16.94 14.80
N ASP A 59 -0.28 17.06 15.77
CA ASP A 59 0.00 17.77 17.01
C ASP A 59 0.77 16.86 17.98
N ASP A 60 1.02 17.38 19.18
CA ASP A 60 1.74 16.65 20.24
C ASP A 60 1.07 15.36 20.75
N SER A 61 -0.24 15.22 20.53
CA SER A 61 -0.98 14.01 20.91
C SER A 61 -1.09 12.96 19.79
N GLY A 62 -0.47 13.23 18.63
CA GLY A 62 -0.53 12.33 17.48
C GLY A 62 -1.86 12.38 16.73
N SER A 63 -2.49 13.56 16.76
CA SER A 63 -3.73 13.80 16.01
CA SER A 63 -3.74 13.80 16.03
C SER A 63 -3.50 14.86 14.96
N GLY A 64 -4.08 14.64 13.78
CA GLY A 64 -3.91 15.59 12.68
C GLY A 64 -4.53 15.17 11.36
N ILE A 65 -3.79 15.38 10.27
CA ILE A 65 -4.28 15.11 8.92
C ILE A 65 -3.13 14.79 7.96
N CYS A 66 -3.39 13.89 7.00
CA CYS A 66 -2.47 13.62 5.87
C CYS A 66 -3.19 13.83 4.56
N LYS A 67 -2.47 14.30 3.53
CA LYS A 67 -3.08 14.49 2.20
C LYS A 67 -3.38 13.19 1.46
N THR A 68 -2.54 12.18 1.67
CA THR A 68 -2.83 10.83 1.16
C THR A 68 -2.71 9.84 2.29
N GLY A 69 -3.58 8.85 2.28
CA GLY A 69 -3.47 7.73 3.21
C GLY A 69 -3.90 7.97 4.65
N ASP A 70 -4.59 9.09 4.92
CA ASP A 70 -5.03 9.44 6.28
CA ASP A 70 -5.03 9.44 6.28
C ASP A 70 -5.87 8.32 6.88
N CYS A 71 -5.56 7.94 8.13
CA CYS A 71 -6.29 6.89 8.86
C CYS A 71 -7.03 7.53 10.04
N GLY A 72 -8.13 8.22 9.74
CA GLY A 72 -8.93 8.90 10.77
C GLY A 72 -8.14 9.92 11.60
N GLY A 73 -7.16 10.57 10.97
CA GLY A 73 -6.40 11.64 11.60
C GLY A 73 -5.40 11.22 12.66
N LEU A 74 -5.04 9.93 12.72
CA LEU A 74 -4.09 9.45 13.73
C LEU A 74 -2.70 9.23 13.17
N LEU A 75 -1.69 9.57 13.96
CA LEU A 75 -0.31 9.19 13.62
C LEU A 75 -0.20 7.67 13.66
N ARG A 76 -0.71 7.08 14.73
CA ARG A 76 -0.63 5.65 14.94
C ARG A 76 -1.92 5.00 14.41
N CYS A 77 -1.86 4.52 13.17
CA CYS A 77 -3.05 3.97 12.48
C CYS A 77 -3.61 2.72 13.15
N LYS A 78 -4.93 2.72 13.36
CA LYS A 78 -5.68 1.53 13.78
C LYS A 78 -6.55 0.99 12.63
N ARG A 79 -6.83 1.85 11.65
CA ARG A 79 -7.71 1.54 10.53
C ARG A 79 -6.95 1.75 9.21
N PHE A 80 -7.52 1.28 8.10
CA PHE A 80 -6.93 1.52 6.78
C PHE A 80 -7.01 2.99 6.36
N GLY A 81 -6.13 3.35 5.43
CA GLY A 81 -5.97 4.72 4.99
C GLY A 81 -6.87 5.15 3.84
N ARG A 82 -7.11 6.45 3.79
CA ARG A 82 -7.91 7.04 2.72
C ARG A 82 -7.15 6.97 1.38
N PRO A 83 -7.80 6.46 0.32
CA PRO A 83 -7.15 6.47 -1.01
C PRO A 83 -6.81 7.91 -1.46
N PRO A 84 -5.79 8.10 -2.31
CA PRO A 84 -5.04 7.01 -2.98
C PRO A 84 -3.85 6.52 -2.15
N THR A 85 -3.68 5.20 -2.07
CA THR A 85 -2.60 4.58 -1.31
C THR A 85 -2.08 3.37 -2.06
N THR A 86 -0.79 3.38 -2.42
CA THR A 86 -0.14 2.15 -2.90
C THR A 86 -0.07 1.20 -1.70
N LEU A 87 -0.45 -0.07 -1.88
CA LEU A 87 -0.56 -0.99 -0.73
C LEU A 87 0.38 -2.19 -0.80
N ALA A 88 1.15 -2.37 0.27
CA ALA A 88 1.87 -3.64 0.50
C ALA A 88 0.94 -4.51 1.35
N GLU A 89 0.51 -5.65 0.80
CA GLU A 89 -0.52 -6.50 1.45
C GLU A 89 0.03 -7.86 1.79
N PHE A 90 -0.35 -8.39 2.95
CA PHE A 90 0.21 -9.66 3.41
C PHE A 90 -0.73 -10.42 4.34
N SER A 91 -0.69 -11.73 4.20
CA SER A 91 -1.32 -12.63 5.14
C SER A 91 -0.26 -13.66 5.49
N LEU A 92 0.01 -13.80 6.78
CA LEU A 92 1.16 -14.57 7.27
C LEU A 92 0.71 -15.87 7.92
N ASN A 93 1.53 -16.92 7.74
CA ASN A 93 1.29 -18.23 8.39
C ASN A 93 -0.11 -18.75 8.10
N GLN A 94 -0.45 -18.76 6.81
CA GLN A 94 -1.73 -19.27 6.34
C GLN A 94 -1.48 -20.67 5.84
N TYR A 95 -1.80 -21.65 6.69
CA TYR A 95 -1.57 -23.07 6.39
C TYR A 95 -0.12 -23.33 5.95
N GLY A 96 0.82 -22.74 6.69
CA GLY A 96 2.26 -23.00 6.51
C GLY A 96 3.01 -22.08 5.56
N LYS A 97 2.29 -21.13 4.95
CA LYS A 97 2.88 -20.21 3.98
C LYS A 97 2.51 -18.75 4.26
N ASP A 98 3.33 -17.84 3.76
CA ASP A 98 3.02 -16.41 3.75
C ASP A 98 2.61 -16.01 2.34
N TYR A 99 1.72 -15.03 2.22
CA TYR A 99 1.27 -14.52 0.92
C TYR A 99 1.43 -13.02 0.88
N ILE A 100 2.18 -12.54 -0.11
CA ILE A 100 2.43 -11.09 -0.25
C ILE A 100 2.04 -10.56 -1.63
N ASP A 101 1.63 -9.30 -1.68
CA ASP A 101 1.39 -8.63 -2.96
C ASP A 101 1.49 -7.13 -2.83
N ILE A 102 1.58 -6.45 -3.98
CA ILE A 102 1.33 -5.00 -4.03
C ILE A 102 0.02 -4.78 -4.77
N SER A 103 -0.78 -3.82 -4.30
CA SER A 103 -2.06 -3.52 -4.91
C SER A 103 -2.21 -2.03 -5.22
N ASN A 104 -2.74 -1.77 -6.42
CA ASN A 104 -3.20 -0.44 -6.86
C ASN A 104 -4.74 -0.33 -6.84
N ILE A 105 -5.42 -1.27 -6.17
CA ILE A 105 -6.90 -1.29 -6.16
C ILE A 105 -7.47 -0.06 -5.43
N LYS A 106 -6.69 0.47 -4.49
CA LYS A 106 -7.03 1.70 -3.76
C LYS A 106 -6.18 2.88 -4.24
N GLY A 107 -5.72 2.80 -5.49
CA GLY A 107 -4.94 3.87 -6.10
C GLY A 107 -3.46 3.79 -5.76
N PHE A 108 -2.75 4.86 -6.11
CA PHE A 108 -1.29 4.91 -5.98
C PHE A 108 -0.90 6.29 -5.47
N ASN A 109 -0.01 6.32 -4.50
CA ASN A 109 0.58 7.59 -4.05
C ASN A 109 2.11 7.62 -4.12
N VAL A 110 2.74 6.57 -3.62
CA VAL A 110 4.20 6.49 -3.48
C VAL A 110 4.66 5.17 -4.10
N PRO A 111 5.75 5.18 -4.89
CA PRO A 111 6.28 3.93 -5.44
C PRO A 111 6.83 3.04 -4.32
N MET A 112 6.72 1.72 -4.47
N MET A 112 6.83 1.73 -4.57
CA MET A 112 7.18 0.81 -3.41
CA MET A 112 7.05 0.73 -3.51
C MET A 112 7.67 -0.54 -3.91
C MET A 112 7.77 -0.51 -4.03
N ASN A 113 8.68 -1.07 -3.23
CA ASN A 113 9.17 -2.43 -3.41
C ASN A 113 8.82 -3.19 -2.13
N PHE A 114 8.36 -4.43 -2.28
CA PHE A 114 7.99 -5.28 -1.15
C PHE A 114 8.70 -6.61 -1.38
N SER A 115 9.75 -6.87 -0.60
CA SER A 115 10.62 -8.03 -0.84
C SER A 115 10.87 -8.79 0.46
N PRO A 116 11.01 -10.14 0.37
CA PRO A 116 11.47 -10.89 1.54
C PRO A 116 12.94 -10.54 1.85
N THR A 117 13.32 -10.60 3.12
CA THR A 117 14.73 -10.46 3.53
C THR A 117 15.31 -11.83 3.90
N THR A 118 14.48 -12.86 3.82
CA THR A 118 14.84 -14.25 4.10
C THR A 118 14.65 -15.09 2.83
N ARG A 119 15.13 -16.33 2.83
CA ARG A 119 15.19 -17.15 1.61
C ARG A 119 13.83 -17.70 1.13
N GLY A 120 13.77 -18.07 -0.15
CA GLY A 120 12.71 -18.95 -0.63
C GLY A 120 11.61 -18.38 -1.52
N CYS A 121 11.67 -17.08 -1.79
CA CYS A 121 10.72 -16.43 -2.70
C CYS A 121 11.27 -15.12 -3.25
N ARG A 122 10.49 -14.46 -4.10
CA ARG A 122 10.89 -13.24 -4.78
C ARG A 122 10.09 -12.07 -4.21
N GLY A 123 10.54 -10.86 -4.52
CA GLY A 123 9.77 -9.66 -4.20
C GLY A 123 8.92 -9.17 -5.36
N VAL A 124 8.11 -8.14 -5.09
CA VAL A 124 7.34 -7.46 -6.13
C VAL A 124 7.57 -5.95 -6.00
N ARG A 125 7.37 -5.23 -7.11
CA ARG A 125 7.66 -3.82 -7.15
C ARG A 125 6.65 -3.09 -8.02
N CYS A 126 6.26 -1.90 -7.58
CA CYS A 126 5.54 -0.95 -8.42
C CYS A 126 6.22 0.40 -8.26
N ALA A 127 7.10 0.71 -9.20
CA ALA A 127 8.00 1.87 -9.09
C ALA A 127 7.87 2.89 -10.22
N ALA A 128 6.88 2.71 -11.09
CA ALA A 128 6.66 3.59 -12.24
C ALA A 128 6.08 4.94 -11.77
N ASP A 129 6.19 5.97 -12.61
CA ASP A 129 5.67 7.29 -12.28
C ASP A 129 4.16 7.35 -12.52
N ILE A 130 3.42 6.61 -11.71
CA ILE A 130 1.96 6.54 -11.88
C ILE A 130 1.32 7.91 -11.57
N VAL A 131 1.84 8.66 -10.60
CA VAL A 131 1.25 9.98 -10.33
C VAL A 131 1.44 10.92 -11.53
N GLY A 132 2.65 10.95 -12.08
CA GLY A 132 2.95 11.82 -13.25
C GLY A 132 2.10 11.48 -14.46
N GLN A 133 1.86 10.19 -14.66
CA GLN A 133 1.16 9.70 -15.85
C GLN A 133 -0.35 9.54 -15.68
N CYS A 134 -0.84 9.78 -14.47
CA CYS A 134 -2.24 9.54 -14.07
C CYS A 134 -3.26 10.17 -15.04
N PRO A 135 -4.27 9.38 -15.50
CA PRO A 135 -5.35 9.93 -16.33
C PRO A 135 -5.99 11.13 -15.63
N ALA A 136 -6.33 12.15 -16.41
CA ALA A 136 -6.95 13.36 -15.87
C ALA A 136 -8.08 13.09 -14.86
N LYS A 137 -8.99 12.17 -15.20
CA LYS A 137 -10.16 11.93 -14.36
C LYS A 137 -9.85 11.19 -13.05
N LEU A 138 -8.66 10.60 -12.96
CA LEU A 138 -8.22 9.88 -11.75
C LEU A 138 -7.28 10.68 -10.84
N LYS A 139 -6.77 11.81 -11.34
CA LYS A 139 -5.82 12.62 -10.57
C LYS A 139 -6.51 13.13 -9.32
N ALA A 140 -5.91 12.87 -8.16
CA ALA A 140 -6.46 13.35 -6.91
C ALA A 140 -5.94 14.77 -6.71
N PRO A 141 -6.84 15.78 -6.64
CA PRO A 141 -6.37 17.15 -6.42
C PRO A 141 -5.57 17.32 -5.14
N GLY A 142 -5.82 16.47 -4.14
CA GLY A 142 -4.98 16.39 -2.93
C GLY A 142 -3.61 15.74 -3.10
N GLY A 143 -3.37 15.11 -4.25
CA GLY A 143 -2.12 14.37 -4.52
C GLY A 143 -2.39 12.90 -4.78
N GLY A 144 -1.60 12.28 -5.67
CA GLY A 144 -1.79 10.86 -6.00
C GLY A 144 -2.73 10.55 -7.16
N CYS A 145 -2.92 9.26 -7.43
CA CYS A 145 -3.72 8.78 -8.56
C CYS A 145 -4.77 7.83 -8.00
N ASN A 146 -6.03 8.27 -7.97
CA ASN A 146 -7.14 7.42 -7.47
C ASN A 146 -7.42 6.22 -8.37
N ASP A 147 -7.90 5.14 -7.77
CA ASP A 147 -8.50 4.06 -8.55
C ASP A 147 -9.90 4.49 -9.03
N ALA A 148 -10.39 3.81 -10.07
CA ALA A 148 -11.69 4.15 -10.66
C ALA A 148 -12.88 3.92 -9.73
N CYS A 149 -12.78 2.93 -8.83
CA CYS A 149 -13.89 2.66 -7.90
C CYS A 149 -14.08 3.86 -6.97
N THR A 150 -12.97 4.36 -6.40
CA THR A 150 -12.98 5.56 -5.56
C THR A 150 -13.62 6.75 -6.26
N VAL A 151 -13.27 6.96 -7.52
CA VAL A 151 -13.78 8.11 -8.27
C VAL A 151 -15.26 7.97 -8.69
N PHE A 152 -15.60 6.83 -9.28
CA PHE A 152 -16.89 6.69 -9.98
C PHE A 152 -17.96 5.87 -9.28
N GLN A 153 -17.56 5.02 -8.33
CA GLN A 153 -18.52 4.26 -7.49
C GLN A 153 -19.53 3.45 -8.34
N THR A 154 -19.03 2.70 -9.31
CA THR A 154 -19.89 1.82 -10.13
C THR A 154 -19.64 0.37 -9.77
N SER A 155 -20.66 -0.46 -10.01
CA SER A 155 -20.54 -1.91 -9.82
C SER A 155 -19.36 -2.47 -10.61
N GLU A 156 -19.14 -1.97 -11.83
CA GLU A 156 -18.04 -2.48 -12.66
C GLU A 156 -16.66 -2.20 -12.06
N TYR A 157 -16.43 -0.97 -11.58
CA TYR A 157 -15.11 -0.62 -11.04
C TYR A 157 -14.87 -1.21 -9.65
N CYS A 158 -15.94 -1.32 -8.87
CA CYS A 158 -15.84 -1.75 -7.48
C CYS A 158 -16.00 -3.26 -7.32
N CYS A 159 -16.37 -3.93 -8.43
CA CYS A 159 -16.60 -5.38 -8.47
CA CYS A 159 -16.60 -5.39 -8.47
C CYS A 159 -17.62 -5.85 -7.44
N THR A 160 -18.64 -5.01 -7.25
CA THR A 160 -19.70 -5.20 -6.27
C THR A 160 -20.40 -6.56 -6.35
N THR A 161 -20.61 -7.04 -7.57
CA THR A 161 -21.35 -8.28 -7.81
C THR A 161 -20.41 -9.49 -7.87
N GLY A 162 -19.11 -9.23 -7.84
CA GLY A 162 -18.09 -10.26 -8.07
C GLY A 162 -17.92 -10.68 -9.52
N LYS A 163 -18.44 -9.89 -10.47
N LYS A 163 -18.59 -9.93 -10.39
CA LYS A 163 -18.40 -10.29 -11.91
CA LYS A 163 -18.53 -10.06 -11.83
C LYS A 163 -17.72 -9.32 -12.91
C LYS A 163 -18.12 -8.71 -12.37
N CYS A 164 -16.81 -8.50 -12.42
CA CYS A 164 -16.25 -7.35 -13.15
C CYS A 164 -15.12 -7.80 -14.07
N GLY A 165 -14.78 -6.96 -15.05
CA GLY A 165 -13.62 -7.20 -15.90
C GLY A 165 -12.64 -6.04 -15.86
N PRO A 166 -11.51 -6.16 -16.61
CA PRO A 166 -10.59 -5.02 -16.73
C PRO A 166 -11.25 -3.84 -17.44
N THR A 167 -10.73 -2.65 -17.18
CA THR A 167 -11.31 -1.41 -17.71
C THR A 167 -10.19 -0.53 -18.25
N GLU A 168 -10.54 0.53 -18.96
CA GLU A 168 -9.52 1.49 -19.43
C GLU A 168 -8.67 1.96 -18.24
N TYR A 169 -9.34 2.21 -17.11
CA TYR A 169 -8.63 2.68 -15.93
C TYR A 169 -7.75 1.62 -15.28
N SER A 170 -8.24 0.39 -15.12
CA SER A 170 -7.40 -0.67 -14.53
C SER A 170 -6.20 -0.96 -15.42
N ARG A 171 -6.40 -0.90 -16.74
CA ARG A 171 -5.31 -1.18 -17.69
C ARG A 171 -4.19 -0.14 -17.60
N PHE A 172 -4.54 1.10 -17.22
CA PHE A 172 -3.53 2.13 -16.98
C PHE A 172 -2.58 1.69 -15.85
N PHE A 173 -3.14 1.31 -14.70
CA PHE A 173 -2.29 0.84 -13.57
C PHE A 173 -1.51 -0.41 -13.97
N LYS A 174 -2.17 -1.31 -14.70
CA LYS A 174 -1.54 -2.58 -15.07
C LYS A 174 -0.38 -2.44 -16.05
N ARG A 175 -0.53 -1.52 -16.99
CA ARG A 175 0.51 -1.23 -17.96
C ARG A 175 1.77 -0.67 -17.29
N LEU A 176 1.58 0.27 -16.36
N LEU A 176 1.58 0.26 -16.36
CA LEU A 176 2.71 0.84 -15.63
CA LEU A 176 2.70 0.84 -15.63
C LEU A 176 3.28 -0.09 -14.57
C LEU A 176 3.29 -0.10 -14.57
N CYS A 177 2.43 -0.90 -13.95
CA CYS A 177 2.85 -1.82 -12.89
C CYS A 177 2.25 -3.21 -13.06
N PRO A 178 2.85 -4.05 -13.94
CA PRO A 178 2.26 -5.37 -14.21
C PRO A 178 2.22 -6.29 -13.00
N ASP A 179 3.10 -6.07 -12.03
CA ASP A 179 3.21 -6.97 -10.88
C ASP A 179 2.38 -6.57 -9.67
N ALA A 180 1.49 -5.59 -9.86
CA ALA A 180 0.53 -5.18 -8.82
C ALA A 180 -0.91 -5.42 -9.28
N PHE A 181 -1.80 -5.69 -8.33
CA PHE A 181 -3.23 -5.82 -8.63
C PHE A 181 -3.78 -4.49 -9.14
N SER A 182 -4.49 -4.54 -10.27
CA SER A 182 -5.06 -3.32 -10.86
C SER A 182 -6.58 -3.17 -10.69
N TYR A 183 -7.25 -4.29 -10.38
CA TYR A 183 -8.68 -4.32 -10.07
C TYR A 183 -8.93 -5.58 -9.25
N VAL A 184 -10.11 -5.70 -8.66
CA VAL A 184 -10.39 -6.76 -7.66
C VAL A 184 -10.16 -8.17 -8.23
N LEU A 185 -10.61 -8.40 -9.46
CA LEU A 185 -10.49 -9.73 -10.09
C LEU A 185 -9.33 -9.87 -11.07
N ASP A 186 -8.30 -9.04 -10.90
CA ASP A 186 -7.08 -9.14 -11.70
C ASP A 186 -6.47 -10.53 -11.58
N LYS A 187 -5.80 -11.00 -12.64
CA LYS A 187 -5.03 -12.26 -12.54
C LYS A 187 -4.05 -12.09 -11.36
N PRO A 188 -4.10 -13.00 -10.35
CA PRO A 188 -3.31 -12.72 -9.15
C PRO A 188 -1.80 -12.61 -9.37
N THR A 189 -1.20 -11.63 -8.68
CA THR A 189 0.24 -11.40 -8.68
C THR A 189 0.80 -11.63 -7.27
N THR A 190 0.07 -12.43 -6.50
CA THR A 190 0.45 -12.79 -5.14
C THR A 190 1.63 -13.74 -5.18
N VAL A 191 2.62 -13.49 -4.32
CA VAL A 191 3.80 -14.33 -4.17
C VAL A 191 3.62 -15.19 -2.92
N THR A 192 3.92 -16.49 -3.04
CA THR A 192 3.91 -17.42 -1.91
C THR A 192 5.33 -17.52 -1.36
N CYS A 193 5.47 -17.21 -0.06
CA CYS A 193 6.75 -17.26 0.64
C CYS A 193 6.70 -18.32 1.74
N PRO A 194 7.87 -18.83 2.18
CA PRO A 194 7.84 -19.74 3.33
C PRO A 194 7.13 -19.08 4.51
N GLY A 195 6.37 -19.87 5.28
CA GLY A 195 5.74 -19.36 6.49
C GLY A 195 6.80 -18.73 7.38
N SER A 196 6.44 -17.63 8.04
CA SER A 196 7.35 -16.91 8.97
C SER A 196 8.59 -16.29 8.30
N SER A 197 8.43 -15.87 7.04
CA SER A 197 9.46 -15.05 6.38
C SER A 197 9.54 -13.66 7.01
N ASN A 198 10.65 -12.95 6.77
CA ASN A 198 10.75 -11.53 7.14
C ASN A 198 10.83 -10.70 5.87
N TYR A 199 10.53 -9.40 5.97
CA TYR A 199 10.31 -8.56 4.79
C TYR A 199 10.90 -7.17 4.92
N ARG A 200 11.09 -6.52 3.77
CA ARG A 200 11.41 -5.09 3.72
C ARG A 200 10.45 -4.43 2.74
N VAL A 201 9.82 -3.34 3.19
CA VAL A 201 9.02 -2.49 2.32
C VAL A 201 9.85 -1.23 2.09
N THR A 202 10.19 -0.95 0.83
CA THR A 202 11.01 0.23 0.51
C THR A 202 10.19 1.21 -0.30
N PHE A 203 10.02 2.43 0.20
CA PHE A 203 9.36 3.49 -0.56
C PHE A 203 10.36 4.15 -1.49
N CYS A 204 9.94 4.48 -2.72
CA CYS A 204 10.84 5.04 -3.76
C CYS A 204 12.10 4.17 -4.00
N PRO A 205 11.90 2.88 -4.35
CA PRO A 205 13.03 1.96 -4.47
C PRO A 205 14.05 2.30 -5.55
N THR A 206 13.61 3.05 -6.58
CA THR A 206 14.51 3.43 -7.68
CA THR A 206 14.51 3.43 -7.68
C THR A 206 14.80 4.93 -7.64
C THR A 206 14.81 4.92 -7.64
#